data_8S4V
#
_entry.id   8S4V
#
_cell.length_a   66.565
_cell.length_b   66.565
_cell.length_c   119.091
_cell.angle_alpha   90.000
_cell.angle_beta   90.000
_cell.angle_gamma   90.000
#
_symmetry.space_group_name_H-M   'P 41 21 2'
#
loop_
_entity.id
_entity.type
_entity.pdbx_description
1 polymer 'Poly [ADP-ribose] polymerase tankyrase-2'
2 polymer 'Poly [ADP-ribose] polymerase tankyrase-2'
3 non-polymer (2~{S})-~{N}-[2-(4-~{tert}-butylphenyl)-4-oxidanylidene-3~{H}-quinazolin-8-yl]-2,3-bis(oxidanyl)propanamide
4 non-polymer 'SULFATE ION'
5 non-polymer 'ZINC ION'
6 water water
#
loop_
_entity_poly.entity_id
_entity_poly.type
_entity_poly.pdbx_seq_one_letter_code
_entity_poly.pdbx_strand_id
1 'polypeptide(L)'
;SMLNTSGSGTILIDLSPDDKEFQSVEEEMQSTVREHRDGGHAGGIFNRYNILKIQKVCNKKLWERYTHRRKEVSEENHNH
ANERMLFHGSPFVNAIIHKGFDERHAYIGGMFGAGIYFAENSSKSNQYVYGIGGGTGCPVHKDRSCYICHRQLLFCRVTL
GKSFLQFSAMK
;
A
2 'polypeptide(L)' MAHSPPGHHSVTGRPSVNGLALAEYVIYRGEQAYPEYLITYQIMRPEG B
#
loop_
_chem_comp.id
_chem_comp.type
_chem_comp.name
_chem_comp.formula
A1H43 non-polymer (2~{S})-~{N}-[2-(4-~{tert}-butylphenyl)-4-oxidanylidene-3~{H}-quinazolin-8-yl]-2,3-bis(oxidanyl)propanamide 'C21 H23 N3 O4'
SO4 non-polymer 'SULFATE ION' 'O4 S -2'
ZN non-polymer 'ZINC ION' 'Zn 2'
#
# COMPACT_ATOMS: atom_id res chain seq x y z
N SER A 8 -6.61 12.18 17.67
CA SER A 8 -6.71 11.74 16.25
C SER A 8 -8.00 10.96 16.00
N GLY A 9 -8.45 10.21 17.01
CA GLY A 9 -9.60 9.36 16.89
C GLY A 9 -9.28 7.94 16.43
N THR A 10 -8.01 7.63 16.19
CA THR A 10 -7.63 6.31 15.71
C THR A 10 -7.29 5.40 16.87
N ILE A 11 -7.81 4.19 16.85
CA ILE A 11 -7.34 3.17 17.77
C ILE A 11 -6.86 1.98 16.93
N LEU A 12 -5.89 1.24 17.48
CA LEU A 12 -5.26 0.09 16.84
C LEU A 12 -5.57 -1.13 17.69
N ILE A 13 -6.27 -2.09 17.10
CA ILE A 13 -6.66 -3.32 17.79
C ILE A 13 -5.70 -4.41 17.37
N ASP A 14 -4.93 -4.91 18.34
CA ASP A 14 -3.96 -5.97 18.05
C ASP A 14 -4.70 -7.28 17.77
N LEU A 15 -4.37 -7.93 16.63
CA LEU A 15 -5.01 -9.20 16.32
C LEU A 15 -4.14 -10.36 16.78
N SER A 16 -4.77 -11.39 17.32
CA SER A 16 -4.06 -12.59 17.73
C SER A 16 -3.67 -13.40 16.51
N PRO A 17 -2.51 -14.05 16.52
CA PRO A 17 -2.16 -14.94 15.42
C PRO A 17 -3.16 -16.04 15.14
N ASP A 18 -4.02 -16.38 16.10
CA ASP A 18 -5.02 -17.42 15.90
C ASP A 18 -6.27 -16.91 15.21
N ASP A 19 -6.40 -15.61 15.04
CA ASP A 19 -7.58 -15.00 14.44
C ASP A 19 -7.57 -15.23 12.93
N LYS A 20 -8.69 -15.70 12.39
CA LYS A 20 -8.77 -15.94 10.96
C LYS A 20 -8.37 -14.68 10.17
N GLU A 21 -8.64 -13.50 10.70
CA GLU A 21 -8.37 -12.24 10.03
C GLU A 21 -6.86 -11.94 10.01
N PHE A 22 -6.14 -12.27 11.08
CA PHE A 22 -4.68 -12.22 11.09
C PHE A 22 -4.13 -13.12 10.01
N GLN A 23 -4.67 -14.33 9.92
CA GLN A 23 -4.03 -15.33 9.06
C GLN A 23 -4.25 -15.02 7.57
N SER A 24 -5.40 -14.45 7.22
CA SER A 24 -5.63 -14.13 5.81
C SER A 24 -4.77 -12.94 5.40
N VAL A 25 -4.59 -11.98 6.30
CA VAL A 25 -3.75 -10.83 5.99
C VAL A 25 -2.29 -11.26 5.89
N GLU A 26 -1.82 -12.10 6.82
CA GLU A 26 -0.47 -12.61 6.68
C GLU A 26 -0.30 -13.31 5.35
N GLU A 27 -1.29 -14.09 4.95
CA GLU A 27 -1.13 -14.89 3.74
C GLU A 27 -0.96 -13.99 2.51
N GLU A 28 -1.74 -12.92 2.44
CA GLU A 28 -1.64 -11.99 1.32
C GLU A 28 -0.29 -11.30 1.33
N MET A 29 0.18 -10.93 2.49
CA MET A 29 1.54 -10.41 2.63
C MET A 29 2.59 -11.38 2.07
N GLN A 30 2.52 -12.65 2.43
CA GLN A 30 3.59 -13.58 2.12
C GLN A 30 3.49 -14.06 0.68
N SER A 31 2.27 -14.27 0.18
CA SER A 31 2.09 -14.88 -1.13
C SER A 31 2.33 -13.90 -2.26
N THR A 32 2.51 -12.61 -1.97
CA THR A 32 2.70 -11.59 -3.01
C THR A 32 4.12 -11.04 -3.02
N VAL A 33 5.05 -11.70 -2.32
CA VAL A 33 6.47 -11.41 -2.50
C VAL A 33 6.94 -11.82 -3.88
N ARG A 34 7.79 -11.00 -4.52
CA ARG A 34 8.43 -11.40 -5.75
C ARG A 34 9.86 -10.87 -5.75
N GLU A 35 10.63 -11.36 -6.72
CA GLU A 35 11.96 -10.79 -6.92
C GLU A 35 11.83 -9.49 -7.70
N HIS A 36 12.76 -8.57 -7.47
CA HIS A 36 12.72 -7.27 -8.12
C HIS A 36 13.93 -7.05 -9.04
N ARG A 37 13.70 -6.30 -10.12
CA ARG A 37 14.72 -6.11 -11.17
C ARG A 37 15.99 -5.45 -10.65
N ASP A 38 15.95 -4.80 -9.45
CA ASP A 38 17.13 -4.22 -8.85
C ASP A 38 17.91 -5.17 -7.96
N GLY A 39 17.59 -6.46 -8.00
CA GLY A 39 18.33 -7.43 -7.22
C GLY A 39 18.25 -7.28 -5.70
N GLY A 40 17.32 -6.47 -5.19
CA GLY A 40 17.18 -6.22 -3.76
C GLY A 40 17.69 -4.85 -3.34
N HIS A 41 18.12 -4.01 -4.29
CA HIS A 41 18.83 -2.80 -3.93
C HIS A 41 17.97 -1.89 -3.06
N ALA A 42 16.73 -1.65 -3.47
CA ALA A 42 15.89 -0.69 -2.76
C ALA A 42 15.27 -1.28 -1.47
N GLY A 43 14.81 -2.52 -1.52
CA GLY A 43 14.01 -3.07 -0.45
C GLY A 43 14.60 -4.24 0.29
N GLY A 44 15.77 -4.75 -0.12
CA GLY A 44 16.40 -5.90 0.47
C GLY A 44 16.23 -7.19 -0.30
N ILE A 45 17.00 -8.17 0.14
CA ILE A 45 16.98 -9.51 -0.44
C ILE A 45 16.26 -10.47 0.52
N PHE A 46 15.18 -11.07 0.05
CA PHE A 46 14.32 -11.88 0.91
C PHE A 46 13.29 -12.53 0.01
N ASN A 47 12.81 -13.70 0.43
CA ASN A 47 11.71 -14.39 -0.23
C ASN A 47 10.44 -14.43 0.62
N ARG A 48 10.51 -14.00 1.87
CA ARG A 48 9.41 -14.10 2.80
C ARG A 48 9.72 -13.16 3.96
N TYR A 49 8.67 -12.93 4.75
CA TYR A 49 8.77 -12.05 5.91
C TYR A 49 8.63 -12.85 7.22
N ASN A 50 9.07 -12.24 8.32
CA ASN A 50 8.65 -12.63 9.68
C ASN A 50 7.61 -11.63 10.16
N ILE A 51 6.35 -12.05 10.24
CA ILE A 51 5.29 -11.15 10.70
C ILE A 51 5.33 -11.07 12.20
N LEU A 52 5.40 -9.83 12.71
CA LEU A 52 5.54 -9.59 14.13
C LEU A 52 4.23 -9.16 14.76
N LYS A 53 3.44 -8.33 14.08
CA LYS A 53 2.19 -7.86 14.62
C LYS A 53 1.29 -7.46 13.45
N ILE A 54 -0.02 -7.64 13.61
CA ILE A 54 -1.01 -7.11 12.68
C ILE A 54 -2.08 -6.40 13.51
N GLN A 55 -2.29 -5.13 13.27
CA GLN A 55 -3.26 -4.32 13.98
C GLN A 55 -4.32 -3.79 13.03
N LYS A 56 -5.58 -3.84 13.47
CA LYS A 56 -6.68 -3.20 12.76
C LYS A 56 -6.76 -1.71 13.08
N VAL A 57 -6.86 -0.89 12.05
CA VAL A 57 -6.93 0.55 12.20
C VAL A 57 -8.41 0.97 12.21
N CYS A 58 -8.83 1.67 13.28
CA CYS A 58 -10.25 1.99 13.45
C CYS A 58 -10.37 3.47 13.71
N ASN A 59 -11.10 4.17 12.85
CA ASN A 59 -11.25 5.62 12.96
C ASN A 59 -12.55 5.97 12.27
N LYS A 60 -13.53 6.42 13.07
CA LYS A 60 -14.89 6.62 12.59
C LYS A 60 -14.93 7.66 11.48
N LYS A 61 -14.30 8.81 11.70
CA LYS A 61 -14.40 9.89 10.73
C LYS A 61 -13.75 9.48 9.42
N LEU A 62 -12.55 8.89 9.50
CA LEU A 62 -11.85 8.46 8.29
C LEU A 62 -12.63 7.37 7.54
N TRP A 63 -13.26 6.45 8.28
CA TRP A 63 -14.06 5.45 7.59
C TRP A 63 -15.23 6.07 6.87
N GLU A 64 -15.94 7.00 7.52
CA GLU A 64 -17.10 7.62 6.88
C GLU A 64 -16.68 8.51 5.71
N ARG A 65 -15.54 9.16 5.82
CA ARG A 65 -14.99 9.89 4.68
C ARG A 65 -14.71 8.95 3.48
N TYR A 66 -14.23 7.75 3.75
CA TYR A 66 -13.95 6.79 2.69
C TYR A 66 -15.22 6.30 2.03
N THR A 67 -16.21 5.87 2.84
CA THR A 67 -17.43 5.29 2.28
C THR A 67 -18.27 6.32 1.54
N HIS A 68 -18.24 7.58 1.99
CA HIS A 68 -18.92 8.64 1.25
C HIS A 68 -18.34 8.81 -0.16
N ARG A 69 -17.01 8.87 -0.26
CA ARG A 69 -16.41 8.95 -1.59
C ARG A 69 -16.65 7.66 -2.38
N ARG A 70 -16.67 6.51 -1.70
CA ARG A 70 -16.88 5.24 -2.40
C ARG A 70 -18.23 5.25 -3.10
N LYS A 71 -19.23 5.81 -2.45
CA LYS A 71 -20.59 5.88 -3.01
C LYS A 71 -20.65 6.83 -4.21
N GLU A 72 -19.97 7.97 -4.13
CA GLU A 72 -19.88 8.86 -5.27
C GLU A 72 -19.29 8.14 -6.48
N VAL A 73 -18.14 7.46 -6.29
CA VAL A 73 -17.47 6.75 -7.36
C VAL A 73 -18.36 5.68 -7.93
N SER A 74 -19.00 4.92 -7.05
CA SER A 74 -19.83 3.81 -7.47
C SER A 74 -20.95 4.31 -8.39
N GLU A 75 -21.58 5.43 -8.04
CA GLU A 75 -22.71 5.93 -8.83
C GLU A 75 -22.25 6.51 -10.16
N GLU A 76 -20.98 6.89 -10.30
CA GLU A 76 -20.38 7.28 -11.54
C GLU A 76 -19.86 6.11 -12.36
N ASN A 77 -20.07 4.87 -11.89
CA ASN A 77 -19.43 3.72 -12.55
C ASN A 77 -20.33 2.49 -12.45
N HIS A 78 -21.55 2.62 -12.94
CA HIS A 78 -22.58 1.57 -12.92
C HIS A 78 -22.58 0.78 -11.62
N ASN A 79 -22.66 1.52 -10.51
CA ASN A 79 -22.79 0.91 -9.18
CA ASN A 79 -22.77 0.95 -9.17
C ASN A 79 -21.65 -0.06 -8.88
N HIS A 80 -20.42 0.31 -9.23
CA HIS A 80 -19.25 -0.55 -9.08
C HIS A 80 -18.08 0.31 -8.56
N ALA A 81 -17.83 0.25 -7.26
CA ALA A 81 -16.69 0.96 -6.70
C ALA A 81 -15.36 0.39 -7.20
N ASN A 82 -15.30 -0.88 -7.61
CA ASN A 82 -14.04 -1.50 -8.02
C ASN A 82 -13.06 -1.41 -6.85
N GLU A 83 -13.51 -1.91 -5.68
CA GLU A 83 -12.73 -1.84 -4.45
C GLU A 83 -11.75 -3.01 -4.33
N ARG A 84 -10.49 -2.69 -3.99
CA ARG A 84 -9.48 -3.68 -3.85
C ARG A 84 -8.83 -3.53 -2.48
N MET A 85 -8.07 -4.53 -2.09
CA MET A 85 -7.17 -4.47 -0.91
C MET A 85 -5.76 -4.51 -1.44
N LEU A 86 -4.98 -3.49 -1.15
CA LEU A 86 -3.65 -3.26 -1.72
C LEU A 86 -2.71 -2.73 -0.65
N PHE A 87 -1.42 -2.85 -0.93
CA PHE A 87 -0.35 -2.48 0.02
C PHE A 87 0.14 -1.08 -0.24
N HIS A 88 0.59 -0.43 0.84
CA HIS A 88 1.21 0.89 0.74
C HIS A 88 2.33 0.97 1.78
N GLY A 89 3.53 1.21 1.31
CA GLY A 89 4.70 1.45 2.19
C GLY A 89 5.10 2.90 2.03
N SER A 90 5.41 3.53 3.15
CA SER A 90 5.79 4.94 3.18
C SER A 90 6.46 5.29 4.49
N PRO A 91 7.40 6.24 4.50
CA PRO A 91 7.90 6.77 5.79
C PRO A 91 6.78 7.44 6.62
N PHE A 92 5.62 7.68 6.06
CA PHE A 92 4.60 8.48 6.73
C PHE A 92 3.45 7.62 7.23
N VAL A 93 3.66 6.31 7.38
CA VAL A 93 2.57 5.43 7.81
C VAL A 93 1.96 5.94 9.10
N ASN A 94 2.77 6.42 10.03
CA ASN A 94 2.21 6.84 11.31
C ASN A 94 1.30 8.05 11.17
N ALA A 95 1.60 8.95 10.27
CA ALA A 95 0.65 10.04 10.03
C ALA A 95 -0.58 9.57 9.29
N ILE A 96 -0.40 8.67 8.32
CA ILE A 96 -1.55 8.20 7.54
C ILE A 96 -2.61 7.60 8.46
N ILE A 97 -2.19 6.75 9.40
CA ILE A 97 -3.19 6.03 10.21
C ILE A 97 -3.94 6.95 11.15
N HIS A 98 -3.35 8.09 11.51
CA HIS A 98 -4.01 9.03 12.41
C HIS A 98 -4.75 10.13 11.67
N LYS A 99 -4.22 10.59 10.52
CA LYS A 99 -4.77 11.71 9.80
C LYS A 99 -5.46 11.30 8.51
N GLY A 100 -5.21 10.11 8.00
CA GLY A 100 -5.75 9.72 6.72
C GLY A 100 -4.85 10.13 5.57
N PHE A 101 -5.11 9.51 4.41
CA PHE A 101 -4.31 9.82 3.22
C PHE A 101 -4.70 11.21 2.70
N ASP A 102 -3.72 11.98 2.26
CA ASP A 102 -3.98 13.23 1.55
C ASP A 102 -2.75 13.58 0.71
N GLU A 103 -2.72 14.82 0.19
CA GLU A 103 -1.73 15.18 -0.82
C GLU A 103 -0.29 15.10 -0.30
N ARG A 104 -0.08 15.13 1.01
CA ARG A 104 1.27 14.98 1.54
C ARG A 104 1.85 13.59 1.29
N HIS A 105 0.99 12.59 1.06
CA HIS A 105 1.43 11.21 0.88
C HIS A 105 1.49 10.81 -0.58
N ALA A 106 1.23 11.76 -1.48
CA ALA A 106 1.36 11.55 -2.91
C ALA A 106 2.81 11.76 -3.33
N TYR A 107 3.20 11.06 -4.36
CA TYR A 107 4.55 11.16 -4.91
C TYR A 107 4.41 12.05 -6.16
N ILE A 108 4.81 13.32 -6.02
CA ILE A 108 4.66 14.28 -7.11
C ILE A 108 5.39 13.80 -8.36
N GLY A 109 6.53 13.14 -8.17
CA GLY A 109 7.36 12.75 -9.30
C GLY A 109 7.14 11.35 -9.79
N GLY A 110 5.98 10.77 -9.47
CA GLY A 110 5.76 9.40 -9.81
C GLY A 110 5.40 9.21 -11.28
N MET A 111 5.69 7.99 -11.76
CA MET A 111 5.43 7.62 -13.16
C MET A 111 4.07 8.06 -13.67
N PHE A 112 3.01 7.81 -12.87
CA PHE A 112 1.65 8.02 -13.33
C PHE A 112 1.06 9.31 -12.80
N GLY A 113 1.89 10.26 -12.43
CA GLY A 113 1.40 11.55 -11.96
C GLY A 113 1.50 11.70 -10.46
N ALA A 114 1.16 12.91 -10.01
CA ALA A 114 1.20 13.28 -8.59
C ALA A 114 -0.01 12.66 -7.88
N GLY A 115 0.16 11.40 -7.48
CA GLY A 115 -0.88 10.67 -6.80
C GLY A 115 -0.30 9.77 -5.73
N ILE A 116 -1.20 9.00 -5.08
CA ILE A 116 -0.84 8.05 -4.02
C ILE A 116 -0.78 6.64 -4.64
N TYR A 117 0.35 5.97 -4.48
CA TYR A 117 0.68 4.73 -5.15
C TYR A 117 0.50 3.50 -4.26
N PHE A 118 -0.05 2.43 -4.82
CA PHE A 118 -0.37 1.20 -4.10
C PHE A 118 0.06 0.02 -4.95
N ALA A 119 0.28 -1.13 -4.29
CA ALA A 119 0.75 -2.32 -5.01
C ALA A 119 0.02 -3.61 -4.64
N GLU A 120 -0.16 -4.47 -5.62
CA GLU A 120 -0.56 -5.84 -5.32
C GLU A 120 0.58 -6.67 -4.74
N ASN A 121 1.85 -6.38 -5.11
CA ASN A 121 2.99 -7.09 -4.56
C ASN A 121 3.37 -6.41 -3.25
N SER A 122 3.28 -7.12 -2.14
CA SER A 122 3.74 -6.53 -0.87
C SER A 122 5.22 -6.13 -0.98
N SER A 123 6.03 -6.93 -1.72
CA SER A 123 7.46 -6.61 -1.83
C SER A 123 7.73 -5.31 -2.61
N LYS A 124 6.82 -4.89 -3.46
CA LYS A 124 6.93 -3.58 -4.12
C LYS A 124 6.73 -2.44 -3.09
N SER A 125 5.71 -2.53 -2.27
CA SER A 125 5.53 -1.49 -1.26
C SER A 125 6.71 -1.49 -0.29
N ASN A 126 7.28 -2.66 -0.02
CA ASN A 126 8.41 -2.73 0.92
C ASN A 126 9.57 -1.87 0.45
N GLN A 127 9.70 -1.66 -0.86
CA GLN A 127 10.75 -0.79 -1.40
C GLN A 127 10.61 0.68 -1.00
N TYR A 128 9.46 1.12 -0.49
CA TYR A 128 9.25 2.51 -0.15
C TYR A 128 9.16 2.76 1.34
N VAL A 129 9.30 1.72 2.17
CA VAL A 129 9.20 1.87 3.61
C VAL A 129 10.16 2.95 4.10
N TYR A 130 11.35 2.96 3.54
CA TYR A 130 12.37 3.93 3.91
C TYR A 130 12.49 5.06 2.89
N GLY A 131 11.48 5.22 2.05
CA GLY A 131 11.36 6.34 1.12
C GLY A 131 11.68 5.94 -0.30
N ILE A 132 11.69 6.94 -1.18
CA ILE A 132 11.96 6.70 -2.60
C ILE A 132 13.20 5.84 -2.77
N GLY A 133 13.07 4.76 -3.54
CA GLY A 133 14.17 3.88 -3.82
C GLY A 133 14.77 3.25 -2.61
N GLY A 134 14.00 3.18 -1.51
CA GLY A 134 14.57 2.67 -0.25
C GLY A 134 15.37 3.68 0.54
N GLY A 135 15.42 4.94 0.07
CA GLY A 135 16.16 5.98 0.78
C GLY A 135 17.54 5.50 1.14
N THR A 136 17.98 5.83 2.37
CA THR A 136 19.25 5.38 2.89
C THR A 136 19.09 4.17 3.78
N GLY A 137 17.94 3.47 3.68
CA GLY A 137 17.72 2.26 4.47
C GLY A 137 17.28 2.57 5.89
N CYS A 138 17.37 1.56 6.75
CA CYS A 138 16.87 1.69 8.12
C CYS A 138 17.54 2.83 8.88
N PRO A 139 16.82 3.46 9.80
CA PRO A 139 17.45 4.54 10.58
C PRO A 139 18.68 4.13 11.38
N VAL A 140 18.67 2.93 11.96
CA VAL A 140 19.75 2.51 12.85
C VAL A 140 21.00 2.20 12.05
N HIS A 141 20.90 1.29 11.08
CA HIS A 141 22.07 0.73 10.39
C HIS A 141 22.26 1.32 8.99
N LYS A 142 21.37 2.20 8.52
CA LYS A 142 21.46 2.73 7.14
C LYS A 142 21.58 1.59 6.14
N ASP A 143 20.78 0.54 6.34
CA ASP A 143 20.86 -0.68 5.56
C ASP A 143 19.49 -0.94 4.93
N ARG A 144 19.44 -0.86 3.58
CA ARG A 144 18.19 -1.08 2.86
C ARG A 144 17.75 -2.53 2.98
N SER A 145 18.70 -3.43 3.26
CA SER A 145 18.42 -4.85 3.43
C SER A 145 18.52 -5.28 4.90
N CYS A 146 18.21 -4.40 5.82
CA CYS A 146 18.31 -4.72 7.24
C CYS A 146 17.35 -5.84 7.59
N TYR A 147 17.89 -6.92 8.16
CA TYR A 147 17.12 -8.05 8.67
C TYR A 147 16.76 -7.91 10.16
N ILE A 148 17.19 -6.84 10.80
CA ILE A 148 17.00 -6.64 12.22
C ILE A 148 15.85 -5.71 12.50
N CYS A 149 15.88 -4.52 11.91
CA CYS A 149 14.97 -3.47 12.28
C CYS A 149 13.57 -3.80 11.80
N HIS A 150 12.60 -3.50 12.64
CA HIS A 150 11.19 -3.68 12.31
C HIS A 150 10.72 -2.68 11.24
N ARG A 151 9.96 -3.19 10.26
CA ARG A 151 9.31 -2.35 9.24
C ARG A 151 7.80 -2.39 9.41
N GLN A 152 7.11 -1.40 8.85
CA GLN A 152 5.65 -1.41 8.78
C GLN A 152 5.17 -1.13 7.38
N LEU A 153 4.11 -1.85 6.98
CA LEU A 153 3.32 -1.58 5.76
C LEU A 153 1.86 -1.40 6.14
N LEU A 154 1.11 -0.74 5.26
CA LEU A 154 -0.34 -0.71 5.37
C LEU A 154 -0.99 -1.64 4.37
N PHE A 155 -2.02 -2.36 4.79
CA PHE A 155 -2.88 -3.13 3.88
C PHE A 155 -4.21 -2.38 3.86
N CYS A 156 -4.51 -1.76 2.71
CA CYS A 156 -5.53 -0.74 2.59
C CYS A 156 -6.69 -1.16 1.70
N ARG A 157 -7.84 -0.66 2.03
CA ARG A 157 -9.04 -0.74 1.22
C ARG A 157 -9.05 0.45 0.29
N VAL A 158 -9.07 0.20 -1.03
CA VAL A 158 -8.85 1.25 -2.05
C VAL A 158 -9.96 1.23 -3.10
N THR A 159 -10.54 2.36 -3.40
CA THR A 159 -11.57 2.46 -4.43
C THR A 159 -10.94 2.89 -5.77
N LEU A 160 -11.02 2.02 -6.79
CA LEU A 160 -10.41 2.35 -8.08
C LEU A 160 -11.38 2.93 -9.12
N GLY A 161 -12.68 2.69 -8.99
CA GLY A 161 -13.67 3.12 -9.93
C GLY A 161 -13.27 2.69 -11.33
N LYS A 162 -13.50 3.57 -12.28
CA LYS A 162 -13.08 3.35 -13.65
C LYS A 162 -11.60 3.70 -13.70
N SER A 163 -10.77 2.69 -13.90
CA SER A 163 -9.33 2.88 -13.82
C SER A 163 -8.76 3.01 -15.24
N PHE A 164 -7.93 4.01 -15.44
CA PHE A 164 -7.20 4.15 -16.68
C PHE A 164 -6.10 3.12 -16.81
N LEU A 165 -6.17 2.31 -17.85
CA LEU A 165 -5.15 1.29 -18.10
C LEU A 165 -3.91 1.87 -18.78
N GLN A 166 -2.78 1.76 -18.11
CA GLN A 166 -1.48 2.18 -18.62
C GLN A 166 -0.58 0.95 -18.74
N PHE A 167 -0.12 0.68 -19.96
CA PHE A 167 0.75 -0.45 -20.23
C PHE A 167 2.22 -0.02 -20.13
N SER A 168 3.01 -0.79 -19.39
CA SER A 168 4.38 -0.40 -19.04
C SER A 168 5.21 -1.57 -18.55
N MET B 1 -1.09 17.71 -5.67
CA MET B 1 -1.74 16.46 -6.13
C MET B 1 -2.50 16.69 -7.45
N ALA B 2 -2.45 15.70 -8.35
CA ALA B 2 -2.91 15.87 -9.71
C ALA B 2 -4.37 15.43 -9.87
N HIS B 3 -4.83 15.39 -11.11
CA HIS B 3 -6.18 14.98 -11.44
C HIS B 3 -6.15 13.57 -12.04
N SER B 4 -7.22 12.83 -11.82
CA SER B 4 -7.39 11.60 -12.58
C SER B 4 -7.54 11.94 -14.07
N PRO B 5 -7.16 11.04 -14.95
CA PRO B 5 -7.51 11.20 -16.38
C PRO B 5 -9.01 11.45 -16.50
N PRO B 6 -9.43 12.37 -17.37
CA PRO B 6 -10.87 12.70 -17.46
C PRO B 6 -11.70 11.45 -17.66
N GLY B 7 -12.80 11.37 -16.91
CA GLY B 7 -13.69 10.25 -16.94
C GLY B 7 -13.19 9.01 -16.19
N HIS B 8 -12.11 9.12 -15.40
CA HIS B 8 -11.56 7.99 -14.66
C HIS B 8 -11.40 8.37 -13.20
N HIS B 9 -11.20 7.35 -12.38
CA HIS B 9 -11.02 7.54 -10.92
C HIS B 9 -9.65 7.09 -10.41
N SER B 10 -8.86 6.43 -11.26
CA SER B 10 -7.56 5.92 -10.85
C SER B 10 -6.80 5.57 -12.11
N VAL B 11 -5.57 5.15 -11.92
CA VAL B 11 -4.73 4.62 -12.98
C VAL B 11 -4.24 3.24 -12.56
N THR B 12 -4.29 2.28 -13.49
CA THR B 12 -3.67 0.98 -13.32
C THR B 12 -2.40 0.96 -14.14
N GLY B 13 -1.27 0.70 -13.49
CA GLY B 13 -0.02 0.42 -14.17
C GLY B 13 0.13 -1.04 -14.42
N ARG B 14 0.01 -1.45 -15.61
CA ARG B 14 0.10 -2.86 -15.99
C ARG B 14 1.54 -3.25 -16.26
N PRO B 15 2.04 -4.25 -15.61
CA PRO B 15 3.43 -4.69 -15.91
C PRO B 15 3.53 -5.32 -17.29
N SER B 16 3.78 -4.50 -18.32
CA SER B 16 3.80 -5.02 -19.69
C SER B 16 5.07 -5.84 -19.99
N VAL B 17 6.13 -5.67 -19.21
CA VAL B 17 7.39 -6.36 -19.47
C VAL B 17 7.55 -7.52 -18.50
N ASN B 18 7.60 -7.20 -17.20
CA ASN B 18 7.95 -8.22 -16.21
C ASN B 18 6.86 -9.29 -16.14
N GLY B 19 7.27 -10.55 -16.33
CA GLY B 19 6.28 -11.62 -16.37
C GLY B 19 5.63 -11.87 -15.03
N LEU B 20 6.43 -11.83 -13.96
CA LEU B 20 5.94 -12.16 -12.63
C LEU B 20 5.38 -10.97 -11.85
N ALA B 21 5.49 -9.75 -12.36
CA ALA B 21 5.09 -8.58 -11.59
C ALA B 21 3.59 -8.41 -11.62
N LEU B 22 2.99 -7.96 -10.48
CA LEU B 22 1.58 -7.68 -10.39
C LEU B 22 1.35 -6.19 -10.60
N ALA B 23 0.11 -5.79 -10.63
CA ALA B 23 -0.24 -4.42 -11.00
C ALA B 23 0.06 -3.44 -9.87
N GLU B 24 0.22 -2.19 -10.24
CA GLU B 24 0.34 -1.06 -9.32
C GLU B 24 -0.72 -0.06 -9.68
N TYR B 25 -1.19 0.70 -8.68
CA TYR B 25 -2.33 1.55 -8.85
C TYR B 25 -2.09 2.92 -8.26
N VAL B 26 -2.67 3.94 -8.89
CA VAL B 26 -2.57 5.30 -8.37
C VAL B 26 -3.96 5.90 -8.19
N ILE B 27 -4.15 6.60 -7.06
CA ILE B 27 -5.34 7.41 -6.81
C ILE B 27 -4.89 8.84 -6.56
N TYR B 28 -5.79 9.78 -6.83
CA TYR B 28 -5.53 11.20 -6.71
C TYR B 28 -6.44 11.89 -5.69
N ARG B 29 -7.33 11.17 -5.03
CA ARG B 29 -8.06 11.68 -3.87
C ARG B 29 -7.74 10.77 -2.68
N GLY B 30 -7.23 11.34 -1.59
CA GLY B 30 -6.91 10.51 -0.43
C GLY B 30 -8.14 9.84 0.19
N GLU B 31 -9.31 10.41 -0.02
CA GLU B 31 -10.54 9.81 0.43
C GLU B 31 -10.87 8.48 -0.27
N GLN B 32 -10.11 8.08 -1.32
CA GLN B 32 -10.36 6.81 -2.00
C GLN B 32 -9.55 5.67 -1.43
N ALA B 33 -8.84 5.84 -0.31
CA ALA B 33 -8.21 4.72 0.39
C ALA B 33 -8.46 4.83 1.89
N TYR B 34 -8.63 3.69 2.55
CA TYR B 34 -8.68 3.63 4.02
C TYR B 34 -7.61 2.66 4.51
N PRO B 35 -6.77 3.05 5.43
CA PRO B 35 -5.71 2.13 5.88
C PRO B 35 -6.26 1.14 6.88
N GLU B 36 -6.53 -0.07 6.48
CA GLU B 36 -7.28 -1.01 7.29
C GLU B 36 -6.40 -1.76 8.27
N TYR B 37 -5.20 -2.19 7.86
CA TYR B 37 -4.33 -3.02 8.68
C TYR B 37 -2.92 -2.44 8.69
N LEU B 38 -2.31 -2.37 9.88
CA LEU B 38 -0.93 -1.94 10.06
C LEU B 38 -0.15 -3.20 10.36
N ILE B 39 0.85 -3.51 9.52
CA ILE B 39 1.56 -4.81 9.56
C ILE B 39 2.99 -4.50 9.95
N THR B 40 3.45 -5.06 11.07
CA THR B 40 4.84 -4.92 11.54
C THR B 40 5.60 -6.19 11.26
N TYR B 41 6.81 -6.07 10.67
CA TYR B 41 7.46 -7.25 10.12
C TYR B 41 8.96 -7.03 9.97
N GLN B 42 9.67 -8.11 9.74
CA GLN B 42 11.06 -8.06 9.27
C GLN B 42 11.12 -8.82 7.97
N ILE B 43 11.97 -8.38 7.04
CA ILE B 43 12.31 -9.23 5.91
C ILE B 43 13.21 -10.33 6.45
N MET B 44 13.23 -11.48 5.79
CA MET B 44 14.03 -12.62 6.24
C MET B 44 15.16 -12.94 5.27
N ARG B 45 16.33 -13.16 5.82
CA ARG B 45 17.51 -13.53 5.02
C ARG B 45 17.32 -14.90 4.44
N PRO B 46 17.44 -15.07 3.12
CA PRO B 46 17.34 -16.40 2.54
C PRO B 46 18.38 -17.34 3.14
N GLU B 47 18.05 -18.61 3.15
CA GLU B 47 18.98 -19.61 3.65
C GLU B 47 19.64 -20.36 2.51
C01 A1H43 C . 3.63 0.85 -4.34
C02 A1H43 C . 3.79 0.66 -5.73
C03 A1H43 C . 4.39 1.61 -6.54
C04 A1H43 C . 4.84 2.76 -5.94
C05 A1H43 C . 4.72 2.95 -4.56
C06 A1H43 C . 4.11 2.01 -3.73
C07 A1H43 C . 4.05 2.24 -2.38
N12 A1H43 C . 5.47 3.87 -6.62
C13 A1H43 C . 5.52 5.70 -2.17
C14 A1H43 C . 6.21 6.59 -2.99
C15 A1H43 C . 5.14 6.09 -0.89
C16 A1H43 C . 5.52 7.34 -0.40
C17 A1H43 C . 6.25 8.21 -1.23
C18 A1H43 C . 6.58 7.83 -2.51
O21 A1H43 C . 5.72 2.99 -8.71
C09 A1H43 C . 5.04 4.35 -2.72
C19 A1H43 C . 6.71 9.61 -0.66
C20 A1H43 C . 5.87 3.92 -7.99
C22 A1H43 C . 6.44 5.28 -8.38
C23 A1H43 C . 6.83 5.32 -9.84
C26 A1H43 C . 7.38 10.44 -1.72
C27 A1H43 C . 7.69 9.37 0.48
C28 A1H43 C . 5.49 10.29 -0.07
N08 A1H43 C . 5.18 4.11 -4.06
N10 A1H43 C . 4.50 3.41 -1.92
O11 A1H43 C . 3.60 1.44 -1.55
O24 A1H43 C . 7.47 5.56 -7.49
O25 A1H43 C . 7.36 6.59 -10.11
H011 A1H43 C . 3.14 0.10 -3.73
H021 A1H43 C . 3.43 -0.26 -6.18
H031 A1H43 C . 4.49 1.45 -7.59
H121 A1H43 C . 5.64 4.69 -6.07
H141 A1H43 C . 6.46 6.30 -4.01
H151 A1H43 C . 4.56 5.42 -0.27
H161 A1H43 C . 5.26 7.64 0.60
H181 A1H43 C . 7.11 8.51 -3.14
H221 A1H43 C . 5.71 6.08 -8.30
H231 A1H43 C . 5.96 5.15 -10.45
H232 A1H43 C . 7.57 4.56 -10.04
H262 A1H43 C . 8.31 9.96 -2.01
H263 A1H43 C . 7.61 11.43 -1.32
H261 A1H43 C . 6.73 10.54 -2.58
H271 A1H43 C . 8.51 8.76 0.12
H273 A1H43 C . 7.20 8.88 1.29
H272 A1H43 C . 8.09 10.33 0.81
H283 A1H43 C . 4.61 10.01 -0.63
H282 A1H43 C . 5.62 11.37 -0.12
H281 A1H43 C . 5.37 9.99 0.96
H101 A1H43 C . 4.43 3.60 -0.94
H241 A1H43 C . 8.20 4.99 -7.72
H251 A1H43 C . 7.54 7.04 -9.30
S SO4 D . 10.62 -3.83 -10.25
O1 SO4 D . 11.60 -3.05 -10.95
O2 SO4 D . 10.46 -3.28 -8.95
O3 SO4 D . 9.30 -3.77 -10.91
O4 SO4 D . 11.03 -5.19 -10.28
S SO4 E . 14.15 -18.84 2.50
O1 SO4 E . 14.82 -18.73 1.21
O2 SO4 E . 14.17 -17.54 3.20
O3 SO4 E . 12.77 -19.24 2.29
O4 SO4 E . 14.85 -19.82 3.32
ZN ZN F . 18.55 -1.78 10.83
#